data_1F4R
#
_entry.id   1F4R
#
_cell.length_a   42.1
_cell.length_b   57.3
_cell.length_c   125.5
_cell.angle_alpha   90
_cell.angle_beta   90
_cell.angle_gamma   90
#
_symmetry.space_group_name_H-M   'P 21 21 21'
#
loop_
_entity.id
_entity.type
_entity.pdbx_description
1 polymer "DNA (5'-D(*GP*AP*CP*AP*TP*GP*(EDA)P*TP*TP*GP*CP*CP*T)-3')"
2 polymer "DNA (5'-D(*GP*GP*CP*AP*AP*TP*CP*AP*TP*GP*TP*CP*A)-3')"
3 polymer '3-METHYL-ADENINE DNA GLYCOSYLASE'
4 non-polymer 'SODIUM ION'
5 water water
#
loop_
_entity_poly.entity_id
_entity_poly.type
_entity_poly.pdbx_seq_one_letter_code
_entity_poly.pdbx_strand_id
1 'polydeoxyribonucleotide' (DG)(DA)(DC)(DA)(DT)(DG)(EDA)(DT)(DT)(DG)(DC)(DC)(DT) D
2 'polydeoxyribonucleotide' (DG)(DG)(DC)(DA)(DA)(DT)(DC)(DA)(DT)(DG)(DT)(DC)(DA) E
3 'polypeptide(L)'
;KGHLTRLGLEFFDQPAVPLARAFLGQVLVRRLPNGTELRGRIVETEAYLGPEDEAAHSRGGRQTPRNRGMFMKPGTLYVY
IIYGMYFCMNISSQGDGACVLLRALEPLEGLETMRQLRSTLRKGTASRVLKDRELCSGPSKLCQALAINKSFDQRDLAQD
EAVWLERGPLEPSEPAVVAAARVGVGHAGEWARKPLRFYVRGSPWVSVVDRVAEQDTQA
;
A
#
# COMPACT_ATOMS: atom_id res chain seq x y z
N HIS C 3 13.23 2.58 -14.70
CA HIS C 3 12.94 1.56 -15.76
C HIS C 3 13.92 0.40 -15.65
N LEU C 4 15.21 0.72 -15.55
CA LEU C 4 16.21 -0.32 -15.42
C LEU C 4 16.14 -0.95 -14.04
N THR C 5 15.58 -0.20 -13.09
CA THR C 5 15.46 -0.67 -11.71
C THR C 5 14.05 -1.16 -11.35
N ARG C 6 13.08 -0.79 -12.16
CA ARG C 6 11.68 -1.17 -11.94
C ARG C 6 11.46 -2.66 -11.68
N LEU C 7 10.75 -2.96 -10.60
CA LEU C 7 10.43 -4.35 -10.27
C LEU C 7 9.39 -4.77 -11.30
N GLY C 8 9.54 -5.98 -11.83
CA GLY C 8 8.62 -6.45 -12.85
C GLY C 8 7.57 -7.45 -12.42
N LEU C 9 6.83 -7.93 -13.40
CA LEU C 9 5.76 -8.90 -13.21
C LEU C 9 6.06 -10.05 -12.27
N GLU C 10 7.21 -10.68 -12.45
CA GLU C 10 7.58 -11.82 -11.63
C GLU C 10 7.61 -11.52 -10.13
N PHE C 11 7.98 -10.29 -9.77
CA PHE C 11 8.05 -9.91 -8.37
C PHE C 11 6.69 -9.90 -7.69
N PHE C 12 5.69 -9.36 -8.39
CA PHE C 12 4.35 -9.25 -7.84
C PHE C 12 3.57 -10.56 -7.76
N ASP C 13 3.88 -11.50 -8.65
CA ASP C 13 3.18 -12.77 -8.67
C ASP C 13 3.55 -13.66 -7.47
N GLN C 14 3.13 -13.23 -6.28
CA GLN C 14 3.39 -13.96 -5.05
C GLN C 14 2.12 -13.90 -4.21
N PRO C 15 1.97 -14.83 -3.25
CA PRO C 15 0.75 -14.76 -2.44
C PRO C 15 0.78 -13.52 -1.52
N ALA C 16 -0.39 -13.04 -1.12
CA ALA C 16 -0.54 -11.84 -0.29
C ALA C 16 0.46 -11.63 0.86
N VAL C 17 0.56 -12.60 1.77
CA VAL C 17 1.48 -12.46 2.89
C VAL C 17 2.94 -12.29 2.45
N PRO C 18 3.46 -13.21 1.63
CA PRO C 18 4.86 -13.05 1.20
C PRO C 18 5.06 -11.72 0.45
N LEU C 19 4.06 -11.33 -0.33
CA LEU C 19 4.14 -10.07 -1.10
C LEU C 19 4.17 -8.87 -0.16
N ALA C 20 3.27 -8.84 0.81
CA ALA C 20 3.21 -7.72 1.75
C ALA C 20 4.55 -7.58 2.50
N ARG C 21 5.13 -8.71 2.88
CA ARG C 21 6.40 -8.68 3.59
C ARG C 21 7.52 -8.26 2.61
N ALA C 22 7.44 -8.74 1.38
CA ALA C 22 8.45 -8.39 0.38
C ALA C 22 8.41 -6.89 0.01
N PHE C 23 7.24 -6.25 0.12
CA PHE C 23 7.13 -4.81 -0.18
C PHE C 23 7.97 -3.92 0.74
N LEU C 24 8.15 -4.34 1.99
CA LEU C 24 8.91 -3.55 2.95
C LEU C 24 10.34 -3.36 2.45
N GLY C 25 10.81 -2.13 2.44
CA GLY C 25 12.16 -1.88 1.97
C GLY C 25 12.19 -1.41 0.53
N GLN C 26 11.19 -1.78 -0.26
CA GLN C 26 11.14 -1.35 -1.65
C GLN C 26 10.74 0.12 -1.71
N VAL C 27 11.08 0.79 -2.79
CA VAL C 27 10.76 2.21 -2.92
C VAL C 27 9.67 2.42 -3.94
N LEU C 28 8.60 3.12 -3.52
CA LEU C 28 7.51 3.42 -4.44
C LEU C 28 7.89 4.73 -5.12
N VAL C 29 7.75 4.78 -6.44
CA VAL C 29 8.10 5.98 -7.17
C VAL C 29 6.91 6.52 -7.93
N ARG C 30 6.76 7.83 -7.89
CA ARG C 30 5.67 8.49 -8.58
C ARG C 30 6.26 9.57 -9.46
N ARG C 31 6.09 9.45 -10.77
CA ARG C 31 6.61 10.44 -11.69
C ARG C 31 5.53 11.48 -12.01
N LEU C 32 5.71 12.69 -11.53
CA LEU C 32 4.75 13.78 -11.76
C LEU C 32 4.91 14.40 -13.14
N PRO C 33 3.91 15.17 -13.58
CA PRO C 33 3.96 15.82 -14.90
C PRO C 33 5.15 16.76 -15.07
N ASN C 34 5.60 17.41 -14.00
CA ASN C 34 6.73 18.30 -14.12
C ASN C 34 8.01 17.49 -14.25
N GLY C 35 7.87 16.20 -14.56
CA GLY C 35 9.02 15.34 -14.72
C GLY C 35 9.66 14.94 -13.40
N THR C 36 9.32 15.65 -12.33
CA THR C 36 9.85 15.36 -11.01
C THR C 36 9.33 13.99 -10.56
N GLU C 37 10.11 13.30 -9.73
CA GLU C 37 9.72 11.99 -9.25
C GLU C 37 9.72 12.00 -7.72
N LEU C 38 8.62 11.55 -7.12
CA LEU C 38 8.53 11.48 -5.67
C LEU C 38 8.90 10.06 -5.26
N ARG C 39 9.59 9.91 -4.13
CA ARG C 39 10.00 8.60 -3.69
C ARG C 39 9.75 8.31 -2.22
N GLY C 40 9.29 7.09 -1.96
CA GLY C 40 9.03 6.70 -0.60
C GLY C 40 9.32 5.23 -0.40
N ARG C 41 10.05 4.93 0.68
CA ARG C 41 10.38 3.56 1.02
C ARG C 41 9.20 3.05 1.84
N ILE C 42 8.66 1.91 1.43
CA ILE C 42 7.52 1.32 2.11
C ILE C 42 7.96 0.74 3.45
N VAL C 43 7.24 1.07 4.52
CA VAL C 43 7.57 0.55 5.85
C VAL C 43 6.39 -0.16 6.51
N GLU C 44 5.21 -0.06 5.92
CA GLU C 44 4.03 -0.71 6.49
C GLU C 44 3.06 -1.14 5.39
N THR C 45 2.59 -2.38 5.49
CA THR C 45 1.67 -2.95 4.52
C THR C 45 0.72 -3.92 5.22
N GLU C 46 -0.33 -4.32 4.52
CA GLU C 46 -1.29 -5.28 5.06
C GLU C 46 -1.74 -6.22 3.96
N ALA C 47 -1.91 -7.49 4.32
CA ALA C 47 -2.36 -8.48 3.37
C ALA C 47 -3.86 -8.72 3.52
N TYR C 48 -4.53 -8.89 2.39
CA TYR C 48 -5.95 -9.20 2.34
C TYR C 48 -5.99 -10.49 1.55
N LEU C 49 -6.31 -11.58 2.24
CA LEU C 49 -6.28 -12.89 1.61
C LEU C 49 -7.35 -13.25 0.61
N GLY C 50 -8.46 -12.51 0.57
CA GLY C 50 -9.47 -12.83 -0.41
C GLY C 50 -10.84 -13.26 0.07
N PRO C 51 -11.42 -14.30 -0.57
CA PRO C 51 -12.74 -14.86 -0.28
C PRO C 51 -12.92 -15.31 1.17
N GLU C 52 -11.94 -16.01 1.71
CA GLU C 52 -12.00 -16.51 3.08
C GLU C 52 -11.81 -15.38 4.09
N ASP C 53 -11.04 -14.37 3.71
CA ASP C 53 -10.73 -13.22 4.55
C ASP C 53 -11.96 -12.35 4.74
N GLU C 54 -12.56 -12.41 5.94
CA GLU C 54 -13.75 -11.62 6.22
C GLU C 54 -13.50 -10.12 6.38
N ALA C 55 -12.24 -9.70 6.33
CA ALA C 55 -11.94 -8.28 6.47
C ALA C 55 -11.74 -7.64 5.10
N ALA C 56 -11.65 -8.46 4.07
CA ALA C 56 -11.44 -7.97 2.72
C ALA C 56 -12.71 -7.61 1.96
N HIS C 57 -12.59 -6.69 1.01
CA HIS C 57 -13.71 -6.28 0.17
C HIS C 57 -14.17 -7.47 -0.64
N SER C 58 -13.23 -8.39 -0.89
CA SER C 58 -13.51 -9.57 -1.68
C SER C 58 -14.01 -10.74 -0.84
N ARG C 59 -14.45 -10.48 0.38
CA ARG C 59 -14.95 -11.56 1.22
C ARG C 59 -16.15 -12.21 0.55
N GLY C 60 -16.30 -13.52 0.76
CA GLY C 60 -17.41 -14.25 0.18
C GLY C 60 -17.44 -14.20 -1.34
N GLY C 61 -16.26 -14.10 -1.95
CA GLY C 61 -16.19 -14.07 -3.39
C GLY C 61 -16.83 -12.83 -4.01
N ARG C 62 -17.17 -11.86 -3.19
CA ARG C 62 -17.77 -10.63 -3.71
C ARG C 62 -16.80 -10.03 -4.71
N GLN C 63 -17.30 -9.78 -5.92
CA GLN C 63 -16.49 -9.23 -7.00
C GLN C 63 -17.34 -8.27 -7.83
N THR C 64 -16.98 -7.00 -7.82
CA THR C 64 -17.72 -5.99 -8.55
C THR C 64 -16.78 -5.19 -9.43
N PRO C 65 -17.32 -4.20 -10.16
CA PRO C 65 -16.46 -3.37 -11.01
C PRO C 65 -15.52 -2.50 -10.18
N ARG C 66 -15.94 -2.14 -8.97
CA ARG C 66 -15.08 -1.32 -8.12
C ARG C 66 -13.78 -2.02 -7.73
N ASN C 67 -13.87 -3.29 -7.30
CA ASN C 67 -12.69 -4.03 -6.88
C ASN C 67 -12.11 -5.03 -7.88
N ARG C 68 -12.45 -4.87 -9.16
CA ARG C 68 -11.96 -5.80 -10.17
C ARG C 68 -10.44 -5.97 -10.10
N GLY C 69 -9.73 -4.88 -9.80
CA GLY C 69 -8.29 -4.91 -9.68
C GLY C 69 -7.75 -6.06 -8.85
N MET C 70 -8.38 -6.31 -7.70
CA MET C 70 -7.97 -7.40 -6.82
C MET C 70 -7.98 -8.73 -7.55
N PHE C 71 -8.87 -8.84 -8.53
CA PHE C 71 -9.00 -10.06 -9.30
C PHE C 71 -8.18 -10.08 -10.59
N MET C 72 -7.48 -8.98 -10.88
CA MET C 72 -6.66 -8.89 -12.10
C MET C 72 -5.22 -9.37 -11.86
N LYS C 73 -4.41 -9.39 -12.92
CA LYS C 73 -3.03 -9.89 -12.78
C LYS C 73 -2.25 -9.21 -11.64
N PRO C 74 -1.45 -9.99 -10.91
CA PRO C 74 -0.66 -9.44 -9.80
C PRO C 74 0.14 -8.23 -10.26
N GLY C 75 0.12 -7.16 -9.48
CA GLY C 75 0.81 -5.96 -9.86
C GLY C 75 -0.17 -4.91 -10.35
N THR C 76 -1.41 -5.33 -10.54
CA THR C 76 -2.46 -4.43 -10.96
C THR C 76 -2.89 -3.67 -9.73
N LEU C 77 -3.07 -2.36 -9.87
CA LEU C 77 -3.48 -1.53 -8.74
C LEU C 77 -4.98 -1.55 -8.50
N TYR C 78 -5.35 -1.41 -7.23
CA TYR C 78 -6.75 -1.36 -6.84
C TYR C 78 -6.80 -0.17 -5.92
N VAL C 79 -7.25 0.96 -6.46
CA VAL C 79 -7.36 2.19 -5.72
C VAL C 79 -8.83 2.51 -5.52
N TYR C 80 -9.24 2.72 -4.28
CA TYR C 80 -10.64 3.04 -4.02
C TYR C 80 -10.83 4.25 -3.11
N ILE C 81 -12.03 4.82 -3.17
CA ILE C 81 -12.37 5.99 -2.35
C ILE C 81 -13.04 5.52 -1.07
N ILE C 82 -12.60 6.07 0.06
CA ILE C 82 -13.14 5.72 1.36
C ILE C 82 -13.62 6.99 2.06
N TYR C 83 -14.75 6.85 2.77
CA TYR C 83 -15.37 7.97 3.48
C TYR C 83 -15.67 9.12 2.52
N GLY C 84 -15.76 8.80 1.23
CA GLY C 84 -16.02 9.82 0.23
C GLY C 84 -15.08 10.99 0.40
N MET C 85 -13.81 10.71 0.65
CA MET C 85 -12.86 11.78 0.87
C MET C 85 -11.39 11.41 0.71
N TYR C 86 -11.07 10.13 0.87
CA TYR C 86 -9.69 9.70 0.77
C TYR C 86 -9.52 8.50 -0.13
N PHE C 87 -8.27 8.22 -0.51
CA PHE C 87 -7.99 7.08 -1.36
C PHE C 87 -7.14 6.06 -0.61
N CYS C 88 -7.25 4.81 -1.03
CA CYS C 88 -6.47 3.73 -0.45
C CYS C 88 -5.84 2.99 -1.63
N MET C 89 -4.53 2.79 -1.57
CA MET C 89 -3.81 2.11 -2.65
C MET C 89 -3.40 0.68 -2.34
N ASN C 90 -3.96 -0.25 -3.11
CA ASN C 90 -3.67 -1.66 -2.95
C ASN C 90 -3.05 -2.16 -4.24
N ILE C 91 -2.28 -3.25 -4.14
CA ILE C 91 -1.64 -3.88 -5.28
C ILE C 91 -2.09 -5.34 -5.31
N SER C 92 -2.76 -5.75 -6.38
CA SER C 92 -3.22 -7.14 -6.51
C SER C 92 -2.04 -8.12 -6.35
N SER C 93 -2.27 -9.24 -5.68
CA SER C 93 -1.22 -10.23 -5.51
C SER C 93 -1.72 -11.53 -6.12
N GLN C 94 -0.91 -12.57 -6.08
CA GLN C 94 -1.33 -13.86 -6.62
C GLN C 94 -2.60 -14.24 -5.87
N GLY C 95 -3.61 -14.74 -6.58
CA GLY C 95 -4.86 -15.12 -5.95
C GLY C 95 -5.95 -14.10 -6.22
N ASP C 96 -7.09 -14.56 -6.72
CA ASP C 96 -8.21 -13.67 -7.02
C ASP C 96 -8.88 -13.15 -5.76
N GLY C 97 -8.95 -11.83 -5.64
CA GLY C 97 -9.56 -11.23 -4.47
C GLY C 97 -8.50 -11.00 -3.42
N ALA C 98 -7.23 -11.22 -3.78
CA ALA C 98 -6.14 -11.01 -2.83
C ALA C 98 -5.24 -9.85 -3.24
N CYS C 99 -4.88 -9.02 -2.27
CA CYS C 99 -4.04 -7.86 -2.56
C CYS C 99 -3.31 -7.37 -1.32
N VAL C 100 -2.44 -6.40 -1.53
CA VAL C 100 -1.66 -5.81 -0.46
C VAL C 100 -1.93 -4.31 -0.38
N LEU C 101 -2.36 -3.86 0.78
CA LEU C 101 -2.61 -2.45 1.02
C LEU C 101 -1.31 -1.83 1.50
N LEU C 102 -1.03 -0.61 1.02
CA LEU C 102 0.16 0.11 1.44
C LEU C 102 -0.32 1.08 2.52
N ARG C 103 0.27 1.04 3.71
CA ARG C 103 -0.17 1.92 4.80
C ARG C 103 0.75 3.07 5.17
N ALA C 104 2.05 2.94 4.90
CA ALA C 104 2.96 4.02 5.23
C ALA C 104 4.30 3.92 4.51
N LEU C 105 4.87 5.07 4.19
CA LEU C 105 6.14 5.14 3.51
C LEU C 105 7.07 6.06 4.28
N GLU C 106 8.38 5.85 4.11
CA GLU C 106 9.37 6.72 4.72
C GLU C 106 9.71 7.61 3.54
N PRO C 107 9.32 8.90 3.60
CA PRO C 107 9.61 9.82 2.51
C PRO C 107 11.10 9.88 2.20
N LEU C 108 11.46 9.87 0.93
CA LEU C 108 12.87 9.92 0.55
C LEU C 108 13.22 11.11 -0.36
N GLU C 109 12.33 11.46 -1.27
CA GLU C 109 12.60 12.58 -2.18
C GLU C 109 11.31 13.27 -2.62
N GLY C 110 11.42 14.54 -2.96
CA GLY C 110 10.25 15.31 -3.38
C GLY C 110 9.43 15.70 -2.16
N LEU C 111 10.07 15.66 -0.99
CA LEU C 111 9.42 16.01 0.26
C LEU C 111 8.65 17.33 0.22
N GLU C 112 9.22 18.33 -0.44
CA GLU C 112 8.57 19.63 -0.53
C GLU C 112 7.26 19.61 -1.31
N THR C 113 7.20 18.80 -2.35
CA THR C 113 6.01 18.68 -3.17
C THR C 113 4.94 17.91 -2.38
N MET C 114 5.38 16.89 -1.64
CA MET C 114 4.47 16.09 -0.85
C MET C 114 3.80 17.01 0.17
N ARG C 115 4.62 17.82 0.84
CA ARG C 115 4.12 18.75 1.85
C ARG C 115 3.04 19.63 1.26
N GLN C 116 3.30 20.19 0.08
CA GLN C 116 2.33 21.03 -0.58
C GLN C 116 1.09 20.22 -0.92
N LEU C 117 1.28 19.01 -1.43
CA LEU C 117 0.17 18.14 -1.80
C LEU C 117 -0.72 17.82 -0.61
N ARG C 118 -0.13 17.62 0.56
CA ARG C 118 -0.93 17.30 1.74
C ARG C 118 -1.44 18.48 2.56
N SER C 119 -1.29 19.69 2.04
CA SER C 119 -1.76 20.88 2.74
C SER C 119 -3.20 21.21 2.34
N THR C 120 -3.69 20.54 1.29
CA THR C 120 -5.05 20.73 0.80
C THR C 120 -5.31 22.17 0.39
N VAL C 129 1.97 23.91 8.92
CA VAL C 129 3.28 23.28 8.59
C VAL C 129 3.27 21.81 8.97
N LEU C 130 3.50 20.94 8.01
CA LEU C 130 3.50 19.51 8.28
C LEU C 130 4.89 18.96 8.56
N LYS C 131 5.00 18.22 9.65
CA LYS C 131 6.25 17.60 10.03
C LYS C 131 6.36 16.38 9.13
N ASP C 132 7.56 16.13 8.60
CA ASP C 132 7.77 15.00 7.70
C ASP C 132 7.05 13.74 8.14
N ARG C 133 6.90 13.59 9.45
CA ARG C 133 6.23 12.42 10.03
C ARG C 133 4.75 12.36 9.72
N GLU C 134 4.20 13.44 9.17
CA GLU C 134 2.79 13.52 8.86
C GLU C 134 2.54 13.49 7.36
N LEU C 135 3.60 13.31 6.59
CA LEU C 135 3.45 13.29 5.14
C LEU C 135 2.88 11.99 4.58
N CYS C 136 3.46 10.86 4.97
CA CYS C 136 3.03 9.56 4.45
C CYS C 136 2.72 8.52 5.50
N SER C 137 2.47 8.95 6.74
CA SER C 137 2.17 8.02 7.81
C SER C 137 0.73 7.55 7.84
N GLY C 138 0.25 7.00 6.73
CA GLY C 138 -1.12 6.53 6.63
C GLY C 138 -1.48 6.14 5.20
N PRO C 139 -2.40 5.19 5.03
CA PRO C 139 -2.80 4.76 3.70
C PRO C 139 -3.32 5.89 2.83
N SER C 140 -4.15 6.76 3.40
CA SER C 140 -4.70 7.88 2.66
C SER C 140 -3.73 9.04 2.55
N LYS C 141 -2.96 9.28 3.61
CA LYS C 141 -1.97 10.36 3.58
C LYS C 141 -0.97 10.10 2.46
N LEU C 142 -0.47 8.87 2.37
CA LEU C 142 0.50 8.55 1.33
C LEU C 142 -0.09 8.73 -0.08
N CYS C 143 -1.36 8.39 -0.27
CA CYS C 143 -1.98 8.58 -1.59
C CYS C 143 -2.02 10.08 -1.91
N GLN C 144 -2.32 10.88 -0.90
CA GLN C 144 -2.38 12.33 -1.06
C GLN C 144 -1.00 12.90 -1.37
N ALA C 145 -0.01 12.46 -0.61
CA ALA C 145 1.37 12.89 -0.76
C ALA C 145 1.98 12.52 -2.11
N LEU C 146 1.53 11.41 -2.69
CA LEU C 146 2.07 11.00 -4.00
C LEU C 146 1.11 11.31 -5.14
N ALA C 147 0.08 12.08 -4.84
CA ALA C 147 -0.90 12.44 -5.85
C ALA C 147 -1.51 11.23 -6.53
N ILE C 148 -1.88 10.23 -5.72
CA ILE C 148 -2.52 9.05 -6.27
C ILE C 148 -4.01 9.29 -6.13
N ASN C 149 -4.77 8.89 -7.15
CA ASN C 149 -6.22 9.06 -7.09
C ASN C 149 -6.88 7.95 -7.88
N LYS C 150 -8.20 8.05 -8.01
CA LYS C 150 -8.99 7.04 -8.70
C LYS C 150 -8.49 6.72 -10.09
N SER C 151 -7.81 7.66 -10.74
CA SER C 151 -7.31 7.39 -12.09
C SER C 151 -6.19 6.35 -12.09
N PHE C 152 -5.60 6.07 -10.92
CA PHE C 152 -4.54 5.06 -10.86
C PHE C 152 -5.12 3.68 -10.68
N ASP C 153 -6.44 3.61 -10.50
CA ASP C 153 -7.11 2.32 -10.35
C ASP C 153 -6.90 1.45 -11.59
N GLN C 154 -6.58 0.18 -11.36
CA GLN C 154 -6.37 -0.78 -12.43
C GLN C 154 -5.20 -0.55 -13.38
N ARG C 155 -4.24 0.27 -12.98
CA ARG C 155 -3.05 0.47 -13.78
C ARG C 155 -2.13 -0.70 -13.40
N ASP C 156 -1.07 -0.93 -14.18
CA ASP C 156 -0.14 -2.02 -13.93
C ASP C 156 1.14 -1.43 -13.34
N LEU C 157 1.37 -1.66 -12.05
CA LEU C 157 2.54 -1.12 -11.38
C LEU C 157 3.85 -1.58 -12.03
N ALA C 158 3.80 -2.65 -12.81
CA ALA C 158 4.99 -3.17 -13.48
C ALA C 158 5.18 -2.58 -14.86
N GLN C 159 4.16 -1.92 -15.39
CA GLN C 159 4.23 -1.33 -16.73
C GLN C 159 3.47 -0.01 -16.83
N ASP C 160 3.75 0.93 -15.94
CA ASP C 160 3.07 2.22 -16.00
C ASP C 160 4.11 3.32 -16.02
N GLU C 161 3.84 4.35 -16.82
CA GLU C 161 4.78 5.47 -16.94
C GLU C 161 4.83 6.41 -15.75
N ALA C 162 3.73 6.53 -15.00
CA ALA C 162 3.66 7.44 -13.86
C ALA C 162 3.96 6.86 -12.49
N VAL C 163 3.95 5.55 -12.38
CA VAL C 163 4.19 4.93 -11.08
C VAL C 163 4.82 3.54 -11.18
N TRP C 164 5.77 3.26 -10.30
CA TRP C 164 6.44 1.97 -10.30
C TRP C 164 7.15 1.72 -8.99
N LEU C 165 7.62 0.50 -8.81
CA LEU C 165 8.32 0.12 -7.59
C LEU C 165 9.78 -0.21 -7.90
N GLU C 166 10.70 0.30 -7.09
CA GLU C 166 12.12 0.01 -7.30
C GLU C 166 12.63 -0.85 -6.18
N ARG C 167 13.66 -1.62 -6.51
CA ARG C 167 14.28 -2.49 -5.54
C ARG C 167 15.02 -1.64 -4.52
N GLY C 168 14.93 -2.03 -3.26
CA GLY C 168 15.62 -1.31 -2.22
C GLY C 168 16.94 -2.03 -2.02
N PRO C 169 17.92 -1.37 -1.39
CA PRO C 169 19.23 -1.99 -1.13
C PRO C 169 19.06 -3.30 -0.40
N ALA C 176 14.25 -6.51 10.42
CA ALA C 176 13.29 -6.98 11.47
C ALA C 176 11.89 -6.46 11.16
N VAL C 177 10.97 -7.40 10.92
CA VAL C 177 9.59 -7.06 10.60
C VAL C 177 8.65 -7.42 11.72
N VAL C 178 7.75 -6.50 12.05
CA VAL C 178 6.76 -6.76 13.08
C VAL C 178 5.46 -7.17 12.40
N ALA C 179 4.89 -8.29 12.82
CA ALA C 179 3.63 -8.76 12.26
C ALA C 179 2.56 -8.48 13.32
N ALA C 180 1.56 -7.69 12.97
CA ALA C 180 0.49 -7.32 13.89
C ALA C 180 -0.87 -7.37 13.22
N ALA C 181 -1.91 -7.12 14.00
CA ALA C 181 -3.28 -7.11 13.49
C ALA C 181 -3.49 -5.86 12.62
N ARG C 182 -4.40 -5.96 11.66
CA ARG C 182 -4.66 -4.82 10.79
C ARG C 182 -5.46 -3.71 11.46
N VAL C 183 -5.39 -2.52 10.87
CA VAL C 183 -6.06 -1.33 11.35
C VAL C 183 -7.46 -1.12 10.75
N GLY C 184 -8.41 -0.71 11.58
CA GLY C 184 -9.76 -0.43 11.11
C GLY C 184 -10.58 -1.61 10.61
N VAL C 185 -10.30 -2.80 11.14
CA VAL C 185 -11.03 -4.00 10.75
C VAL C 185 -12.05 -4.41 11.83
N GLY C 186 -12.00 -3.74 12.98
CA GLY C 186 -12.91 -4.04 14.07
C GLY C 186 -12.38 -5.02 15.11
N HIS C 187 -13.18 -5.29 16.13
CA HIS C 187 -12.80 -6.23 17.20
C HIS C 187 -13.79 -7.38 17.26
N ALA C 188 -14.05 -7.99 16.10
CA ALA C 188 -14.98 -9.10 16.03
C ALA C 188 -14.57 -10.08 14.94
N GLY C 189 -14.40 -11.34 15.31
CA GLY C 189 -14.02 -12.35 14.34
C GLY C 189 -12.55 -12.69 14.34
N GLU C 190 -12.25 -13.90 13.89
CA GLU C 190 -10.89 -14.39 13.83
C GLU C 190 -10.04 -13.56 12.85
N TRP C 191 -10.63 -13.18 11.73
CA TRP C 191 -9.88 -12.41 10.74
C TRP C 191 -9.46 -11.02 11.16
N ALA C 192 -10.21 -10.43 12.09
CA ALA C 192 -9.86 -9.10 12.56
C ALA C 192 -8.61 -9.19 13.41
N ARG C 193 -8.43 -10.34 14.05
CA ARG C 193 -7.28 -10.57 14.93
C ARG C 193 -6.01 -11.10 14.23
N LYS C 194 -6.16 -11.70 13.06
CA LYS C 194 -4.99 -12.24 12.38
C LYS C 194 -3.90 -11.19 12.13
N PRO C 195 -2.63 -11.58 12.35
CA PRO C 195 -1.46 -10.72 12.17
C PRO C 195 -1.12 -10.58 10.70
N LEU C 196 -1.95 -9.83 9.97
CA LEU C 196 -1.76 -9.64 8.54
C LEU C 196 -1.27 -8.25 8.16
N ARG C 197 -0.77 -7.50 9.16
CA ARG C 197 -0.21 -6.18 8.95
C ARG C 197 1.28 -6.32 9.28
N PHE C 198 2.15 -5.79 8.42
CA PHE C 198 3.58 -5.89 8.63
C PHE C 198 4.24 -4.51 8.49
N TYR C 199 5.24 -4.23 9.32
CA TYR C 199 5.94 -2.97 9.22
C TYR C 199 7.38 -3.05 9.72
N VAL C 200 8.17 -2.03 9.42
CA VAL C 200 9.58 -2.02 9.85
C VAL C 200 9.69 -1.68 11.34
N ARG C 201 10.17 -2.66 12.11
CA ARG C 201 10.33 -2.50 13.55
C ARG C 201 11.14 -1.26 13.92
N GLY C 202 10.64 -0.50 14.88
CA GLY C 202 11.34 0.70 15.31
C GLY C 202 11.32 1.84 14.32
N SER C 203 10.69 1.64 13.17
CA SER C 203 10.62 2.69 12.18
C SER C 203 9.74 3.84 12.69
N PRO C 204 10.23 5.08 12.59
CA PRO C 204 9.45 6.22 13.05
C PRO C 204 8.42 6.66 12.00
N TRP C 205 8.41 5.98 10.86
CA TRP C 205 7.48 6.37 9.80
C TRP C 205 6.20 5.53 9.77
N VAL C 206 6.16 4.46 10.53
CA VAL C 206 4.97 3.61 10.58
C VAL C 206 3.80 4.46 11.09
N SER C 207 2.61 4.20 10.55
CA SER C 207 1.43 4.99 10.94
C SER C 207 0.89 4.65 12.31
N VAL C 208 0.91 3.37 12.67
CA VAL C 208 0.40 2.94 13.96
C VAL C 208 1.28 1.85 14.55
N VAL C 209 1.99 2.15 15.63
CA VAL C 209 2.83 1.13 16.24
C VAL C 209 1.98 0.27 17.14
N ASP C 210 2.44 -0.95 17.38
CA ASP C 210 1.76 -1.88 18.25
C ASP C 210 2.82 -2.38 19.23
N ARG C 211 3.05 -1.63 20.31
CA ARG C 211 4.07 -2.01 21.29
C ARG C 211 3.89 -3.46 21.72
N VAL C 212 2.63 -3.87 21.88
CA VAL C 212 2.35 -5.24 22.28
C VAL C 212 2.94 -6.25 21.30
N ALA C 213 2.59 -6.12 20.03
CA ALA C 213 3.07 -7.02 18.99
C ALA C 213 4.58 -6.99 18.84
N GLU C 214 5.19 -5.89 19.23
CA GLU C 214 6.63 -5.74 19.11
C GLU C 214 7.41 -6.56 20.14
N GLN C 215 6.74 -6.92 21.22
CA GLN C 215 7.36 -7.73 22.28
C GLN C 215 7.28 -9.22 21.93
#